data_8QLC
#
_entry.id   8QLC
#
_cell.length_a   57.241
_cell.length_b   93.003
_cell.length_c   111.648
_cell.angle_alpha   90.000
_cell.angle_beta   90.000
_cell.angle_gamma   90.000
#
_symmetry.space_group_name_H-M   'P 21 21 21'
#
loop_
_entity.id
_entity.type
_entity.pdbx_description
1 polymer AliD
2 non-polymer 'MAGNESIUM ION'
3 water water
#
_entity_poly.entity_id   1
_entity_poly.type   'polypeptide(L)'
_entity_poly.pdbx_seq_one_letter_code
;ASSDTKTYSSTFSGNPTTFNYLLDYYADNTAIITNLVDGLLENDNHGNLVPSLAEDWSVSSDGLTYTYKLRKDAKWFTAD
GEEYSPVKAQDFVTGIKYAVDNKSQAIDLIQNSIKGLNDYITGADSDFSKVGVKAIDDQTVEYTLARPEPYWNSKTTNSI
LFPVNEEFLNSKGKDFGTLSPDSILYSGPYLLKDFTSKSSIEYVKNPHYYDHDKVSIEHVKLAYFDGSDQELTIRNFESG
AYSIAGVYPNSSNFAKTKEKYKDNIVYSLQDKTSWYFNFNVNRKAYNHTSKTTDEQKKSTETAVLNKNFRQAVNFALDRT
AYSAQSNGEEAASKTLLNTLVPPTFVQVGDKTFGEVVASKLVNYGTEWSGINLADAQDAYFNKEKAQAKFAEAKKELTSQ
GVTFPIHLDVAVDQTSKNAVTGMNSVKQTLESVLGSDNIVIDVQQLSTDDFNNVAFLAPTAADRDYDFNFDGWVGDYQDP
STYLNPFNAEDGFYLKIFGLDAKEDKEKITSLGLDTYTKMLKDADRENKDVAKRYEKYAEAQAWMIDNSLIMSAMSSGGT
ASVTKVTPFTRGYSLVGIKGDGNNYKYMKLQKDTVTTKQFEEAKSKWEQESKKAIEKAQKEAEKHVK
;
_entity_poly.pdbx_strand_id   A
#
loop_
_chem_comp.id
_chem_comp.type
_chem_comp.name
_chem_comp.formula
MG non-polymer 'MAGNESIUM ION' 'Mg 2'
#
# COMPACT_ATOMS: atom_id res chain seq x y z
N ASP A 4 -15.10 -17.31 23.67
CA ASP A 4 -16.00 -16.17 23.45
C ASP A 4 -15.81 -15.69 22.02
N THR A 5 -16.63 -16.22 21.12
CA THR A 5 -16.63 -15.80 19.73
C THR A 5 -17.17 -14.40 19.52
N LYS A 6 -17.61 -13.72 20.57
CA LYS A 6 -18.05 -12.33 20.45
CA LYS A 6 -18.05 -12.33 20.45
C LYS A 6 -17.01 -11.34 20.95
N THR A 7 -15.84 -11.82 21.36
CA THR A 7 -14.75 -10.95 21.82
C THR A 7 -13.47 -11.28 21.05
N TYR A 8 -12.97 -10.31 20.30
CA TYR A 8 -11.67 -10.41 19.64
C TYR A 8 -10.62 -9.83 20.57
N SER A 9 -9.67 -10.66 21.01
CA SER A 9 -8.57 -10.20 21.86
C SER A 9 -7.25 -10.41 21.14
N SER A 10 -6.49 -9.35 20.98
CA SER A 10 -5.19 -9.41 20.31
C SER A 10 -4.26 -8.33 20.82
N THR A 11 -3.34 -7.91 19.96
CA THR A 11 -2.34 -6.92 20.32
C THR A 11 -2.30 -5.84 19.24
N PHE A 12 -1.69 -4.71 19.61
CA PHE A 12 -1.29 -3.71 18.63
C PHE A 12 0.17 -3.35 18.92
N SER A 13 0.95 -3.20 17.86
CA SER A 13 2.38 -2.99 18.04
C SER A 13 2.89 -1.65 17.55
N GLY A 14 2.07 -0.89 16.82
CA GLY A 14 2.49 0.42 16.37
C GLY A 14 2.08 1.51 17.33
N ASN A 15 2.56 2.71 17.07
CA ASN A 15 2.24 3.78 17.99
C ASN A 15 1.20 4.68 17.36
N PRO A 16 -0.08 4.54 17.69
CA PRO A 16 -1.08 5.49 17.19
C PRO A 16 -0.74 6.90 17.64
N THR A 17 -0.94 7.86 16.75
CA THR A 17 -0.59 9.25 17.01
C THR A 17 -1.77 10.20 16.94
N THR A 18 -2.80 9.87 16.17
CA THR A 18 -3.92 10.81 16.02
C THR A 18 -5.14 10.09 15.46
N PHE A 19 -6.31 10.51 15.94
CA PHE A 19 -7.59 10.09 15.37
C PHE A 19 -8.11 11.07 14.33
N ASN A 20 -7.29 12.01 13.86
CA ASN A 20 -7.75 12.98 12.86
C ASN A 20 -7.73 12.29 11.50
N TYR A 21 -8.83 11.61 11.18
CA TYR A 21 -8.89 10.79 10.00
C TYR A 21 -8.93 11.61 8.71
N LEU A 22 -9.18 12.91 8.81
CA LEU A 22 -9.16 13.76 7.62
C LEU A 22 -7.75 14.18 7.23
N LEU A 23 -6.86 14.38 8.20
CA LEU A 23 -5.55 14.93 7.92
C LEU A 23 -4.44 13.89 7.91
N ASP A 24 -4.71 12.69 8.41
CA ASP A 24 -3.67 11.69 8.61
C ASP A 24 -4.02 10.45 7.82
N TYR A 25 -2.99 9.79 7.29
CA TYR A 25 -3.19 8.49 6.59
C TYR A 25 -2.19 7.44 7.01
N TYR A 26 -1.61 7.58 8.19
CA TYR A 26 -0.66 6.60 8.70
C TYR A 26 -1.39 5.32 9.08
N ALA A 27 -0.79 4.18 8.76
CA ALA A 27 -1.45 2.89 8.96
C ALA A 27 -1.82 2.62 10.43
N ASP A 28 -0.96 3.00 11.37
CA ASP A 28 -1.28 2.74 12.79
C ASP A 28 -2.53 3.48 13.23
N ASN A 29 -2.86 4.59 12.57
CA ASN A 29 -4.06 5.35 12.90
C ASN A 29 -5.27 4.88 12.11
N THR A 30 -5.12 4.61 10.81
CA THR A 30 -6.30 4.18 10.05
C THR A 30 -6.79 2.82 10.49
N ALA A 31 -5.90 1.97 11.04
CA ALA A 31 -6.31 0.67 11.56
C ALA A 31 -7.32 0.80 12.68
N ILE A 32 -7.30 1.95 13.37
CA ILE A 32 -8.23 2.19 14.47
C ILE A 32 -9.48 2.85 13.91
N ILE A 33 -9.32 3.98 13.19
CA ILE A 33 -10.50 4.77 12.91
C ILE A 33 -11.41 4.13 11.86
N THR A 34 -10.91 3.15 11.09
CA THR A 34 -11.79 2.44 10.16
C THR A 34 -12.93 1.74 10.89
N ASN A 35 -12.76 1.42 12.17
CA ASN A 35 -13.83 0.80 12.94
C ASN A 35 -14.78 1.82 13.55
N LEU A 36 -14.44 3.09 13.48
CA LEU A 36 -15.11 4.13 14.24
C LEU A 36 -15.87 5.12 13.37
N VAL A 37 -15.42 5.30 12.13
CA VAL A 37 -15.96 6.27 11.21
C VAL A 37 -16.19 5.58 9.87
N ASP A 38 -17.40 5.73 9.33
CA ASP A 38 -17.75 5.21 8.02
C ASP A 38 -17.70 6.32 6.98
N GLY A 39 -17.39 5.93 5.75
CA GLY A 39 -17.47 6.81 4.61
C GLY A 39 -18.66 6.46 3.73
N LEU A 40 -18.59 6.89 2.47
CA LEU A 40 -19.70 6.66 1.54
C LEU A 40 -19.88 5.18 1.24
N LEU A 41 -18.77 4.49 0.96
CA LEU A 41 -18.78 3.08 0.56
C LEU A 41 -17.83 2.31 1.46
N GLU A 42 -17.95 0.98 1.43
CA GLU A 42 -17.00 0.09 2.09
C GLU A 42 -16.82 -1.11 1.17
N ASN A 43 -16.23 -2.19 1.68
CA ASN A 43 -15.93 -3.36 0.88
C ASN A 43 -16.59 -4.61 1.47
N ASP A 44 -17.13 -5.46 0.59
CA ASP A 44 -17.60 -6.74 1.08
C ASP A 44 -16.42 -7.72 1.17
N ASN A 45 -16.71 -8.95 1.56
CA ASN A 45 -15.63 -9.91 1.76
C ASN A 45 -15.03 -10.43 0.46
N HIS A 46 -15.60 -10.06 -0.71
CA HIS A 46 -15.05 -10.43 -2.00
C HIS A 46 -14.28 -9.29 -2.67
N GLY A 47 -14.25 -8.10 -2.07
CA GLY A 47 -13.54 -6.98 -2.67
C GLY A 47 -14.40 -5.96 -3.38
N ASN A 48 -15.70 -6.21 -3.51
CA ASN A 48 -16.58 -5.26 -4.16
C ASN A 48 -16.83 -4.05 -3.28
N LEU A 49 -16.97 -2.90 -3.93
CA LEU A 49 -17.48 -1.72 -3.22
C LEU A 49 -18.97 -1.89 -2.99
N VAL A 50 -19.40 -1.68 -1.74
CA VAL A 50 -20.80 -1.86 -1.36
C VAL A 50 -21.23 -0.66 -0.53
N PRO A 51 -22.54 -0.46 -0.35
CA PRO A 51 -23.02 0.71 0.42
C PRO A 51 -22.48 0.76 1.84
N SER A 52 -22.11 1.97 2.24
CA SER A 52 -21.75 2.26 3.63
C SER A 52 -22.72 3.34 4.11
N LEU A 53 -22.25 4.57 4.37
CA LEU A 53 -23.20 5.64 4.65
C LEU A 53 -24.10 5.93 3.46
N ALA A 54 -23.59 5.75 2.24
CA ALA A 54 -24.39 5.96 1.04
C ALA A 54 -25.15 4.67 0.75
N GLU A 55 -26.47 4.76 0.64
CA GLU A 55 -27.25 3.58 0.24
C GLU A 55 -27.32 3.42 -1.26
N ASP A 56 -26.95 4.44 -2.01
CA ASP A 56 -27.05 4.41 -3.46
C ASP A 56 -26.12 5.47 -4.03
N TRP A 57 -25.75 5.28 -5.30
CA TRP A 57 -24.89 6.25 -5.96
C TRP A 57 -25.15 6.19 -7.45
N SER A 58 -24.76 7.26 -8.15
CA SER A 58 -24.90 7.33 -9.59
C SER A 58 -23.72 8.10 -10.16
N VAL A 59 -23.46 7.90 -11.45
CA VAL A 59 -22.43 8.63 -12.17
C VAL A 59 -23.02 9.11 -13.49
N SER A 60 -22.62 10.30 -13.92
CA SER A 60 -23.04 10.85 -15.20
C SER A 60 -22.38 10.10 -16.37
N SER A 61 -22.93 10.31 -17.58
CA SER A 61 -22.40 9.58 -18.74
C SER A 61 -20.98 10.01 -19.08
N ASP A 62 -20.65 11.28 -18.89
CA ASP A 62 -19.29 11.74 -19.17
C ASP A 62 -18.30 11.38 -18.06
N GLY A 63 -18.75 10.67 -17.03
CA GLY A 63 -17.90 10.25 -15.93
C GLY A 63 -17.45 11.36 -14.99
N LEU A 64 -18.02 12.56 -15.10
CA LEU A 64 -17.50 13.68 -14.33
C LEU A 64 -18.27 13.98 -13.05
N THR A 65 -19.48 13.45 -12.89
CA THR A 65 -20.32 13.80 -11.75
C THR A 65 -20.77 12.54 -11.02
N TYR A 66 -20.40 12.44 -9.76
CA TYR A 66 -20.81 11.35 -8.87
C TYR A 66 -21.75 11.91 -7.82
N THR A 67 -22.90 11.30 -7.67
CA THR A 67 -23.89 11.70 -6.68
CA THR A 67 -23.86 11.70 -6.65
C THR A 67 -24.18 10.50 -5.78
N TYR A 68 -24.29 10.76 -4.46
CA TYR A 68 -24.49 9.70 -3.47
C TYR A 68 -25.69 10.06 -2.59
N LYS A 69 -26.52 9.06 -2.33
CA LYS A 69 -27.68 9.22 -1.45
C LYS A 69 -27.38 8.58 -0.09
N LEU A 70 -27.40 9.40 0.95
CA LEU A 70 -27.08 8.92 2.28
C LEU A 70 -28.29 8.24 2.91
N ARG A 71 -28.05 7.14 3.61
CA ARG A 71 -29.16 6.44 4.22
C ARG A 71 -29.70 7.23 5.40
N LYS A 72 -31.01 7.09 5.63
CA LYS A 72 -31.69 7.90 6.64
C LYS A 72 -31.14 7.67 8.04
N ASP A 73 -30.70 6.46 8.36
CA ASP A 73 -30.20 6.17 9.70
C ASP A 73 -28.67 6.23 9.77
N ALA A 74 -28.04 6.97 8.87
CA ALA A 74 -26.65 7.35 9.08
C ALA A 74 -26.59 8.40 10.17
N LYS A 75 -25.86 8.11 11.26
CA LYS A 75 -25.88 8.96 12.43
C LYS A 75 -24.47 9.15 12.98
N TRP A 76 -24.28 10.31 13.62
CA TRP A 76 -23.10 10.58 14.43
C TRP A 76 -23.41 10.28 15.88
N PHE A 77 -22.44 9.68 16.57
CA PHE A 77 -22.57 9.36 17.98
C PHE A 77 -21.36 9.88 18.75
N THR A 78 -21.58 10.33 19.97
CA THR A 78 -20.40 10.55 20.80
C THR A 78 -19.86 9.21 21.27
N ALA A 79 -18.64 9.25 21.82
CA ALA A 79 -17.94 8.01 22.16
C ALA A 79 -18.72 7.18 23.19
N ASP A 80 -19.55 7.82 24.02
CA ASP A 80 -20.38 7.08 24.97
C ASP A 80 -21.57 6.40 24.32
N GLY A 81 -21.76 6.56 23.01
CA GLY A 81 -22.86 5.91 22.31
C GLY A 81 -24.13 6.72 22.19
N GLU A 82 -24.18 7.90 22.79
CA GLU A 82 -25.37 8.75 22.64
C GLU A 82 -25.41 9.37 21.24
N GLU A 83 -26.60 9.46 20.69
CA GLU A 83 -26.75 10.10 19.39
C GLU A 83 -26.37 11.56 19.46
N TYR A 84 -25.53 12.01 18.52
CA TYR A 84 -25.19 13.42 18.41
C TYR A 84 -26.05 14.14 17.38
N SER A 85 -26.09 13.61 16.16
CA SER A 85 -26.81 14.22 15.07
C SER A 85 -26.85 13.24 13.91
N PRO A 86 -27.86 13.32 13.03
CA PRO A 86 -27.78 12.56 11.79
C PRO A 86 -26.64 13.06 10.93
N VAL A 87 -26.05 12.16 10.14
CA VAL A 87 -25.10 12.57 9.13
C VAL A 87 -25.85 13.31 8.03
N LYS A 88 -25.26 14.40 7.54
CA LYS A 88 -25.88 15.16 6.48
C LYS A 88 -24.84 15.39 5.38
N ALA A 89 -25.35 15.68 4.18
CA ALA A 89 -24.47 15.82 3.03
C ALA A 89 -23.45 16.93 3.23
N GLN A 90 -23.85 18.01 3.91
CA GLN A 90 -22.90 19.09 4.17
C GLN A 90 -21.67 18.62 4.91
N ASP A 91 -21.78 17.53 5.69
CA ASP A 91 -20.61 17.00 6.39
C ASP A 91 -19.51 16.58 5.43
N PHE A 92 -19.87 16.21 4.20
CA PHE A 92 -18.87 15.84 3.22
C PHE A 92 -18.23 17.06 2.58
N VAL A 93 -18.96 18.16 2.50
CA VAL A 93 -18.36 19.44 2.11
C VAL A 93 -17.38 19.90 3.20
N THR A 94 -17.83 19.88 4.45
CA THR A 94 -16.97 20.25 5.57
C THR A 94 -15.66 19.45 5.56
N GLY A 95 -15.77 18.14 5.31
CA GLY A 95 -14.59 17.28 5.32
C GLY A 95 -13.55 17.68 4.29
N ILE A 96 -13.99 17.94 3.06
CA ILE A 96 -13.03 18.30 2.01
C ILE A 96 -12.38 19.65 2.32
N LYS A 97 -13.18 20.65 2.69
CA LYS A 97 -12.61 21.96 2.96
C LYS A 97 -11.60 21.90 4.10
N TYR A 98 -11.93 21.13 5.14
CA TYR A 98 -11.03 21.01 6.27
C TYR A 98 -9.76 20.25 5.88
N ALA A 99 -9.89 19.19 5.08
CA ALA A 99 -8.72 18.41 4.69
C ALA A 99 -7.78 19.23 3.81
N VAL A 100 -8.33 20.09 2.95
CA VAL A 100 -7.51 20.87 2.03
CA VAL A 100 -7.48 20.85 2.05
C VAL A 100 -6.93 22.09 2.74
N ASP A 101 -7.75 22.78 3.56
CA ASP A 101 -7.25 23.96 4.24
C ASP A 101 -6.07 23.61 5.14
N ASN A 102 -6.08 22.40 5.73
CA ASN A 102 -5.03 21.97 6.63
C ASN A 102 -4.04 21.03 5.98
N LYS A 103 -4.10 20.97 4.66
CA LYS A 103 -3.13 20.19 3.89
C LYS A 103 -2.97 18.78 4.46
N SER A 104 -4.03 17.99 4.41
CA SER A 104 -4.03 16.58 4.77
C SER A 104 -2.87 15.83 4.13
N GLN A 105 -2.34 14.84 4.85
CA GLN A 105 -1.32 13.97 4.28
C GLN A 105 -1.80 13.32 2.98
N ALA A 106 -3.11 13.11 2.83
CA ALA A 106 -3.66 12.41 1.68
C ALA A 106 -4.20 13.34 0.61
N ILE A 107 -3.80 14.62 0.64
CA ILE A 107 -4.43 15.58 -0.25
C ILE A 107 -4.22 15.22 -1.73
N ASP A 108 -3.11 14.54 -2.06
CA ASP A 108 -2.88 14.21 -3.47
C ASP A 108 -3.93 13.25 -4.02
N LEU A 109 -4.70 12.60 -3.14
CA LEU A 109 -5.77 11.73 -3.60
C LEU A 109 -6.90 12.51 -4.28
N ILE A 110 -7.09 13.77 -3.89
CA ILE A 110 -8.20 14.57 -4.39
C ILE A 110 -7.76 15.86 -5.08
N GLN A 111 -6.54 16.33 -4.86
CA GLN A 111 -6.18 17.69 -5.26
C GLN A 111 -6.38 17.92 -6.75
N ASN A 112 -6.00 16.94 -7.58
CA ASN A 112 -6.10 17.05 -9.02
C ASN A 112 -7.36 16.39 -9.56
N SER A 113 -8.23 15.91 -8.67
CA SER A 113 -9.38 15.08 -9.02
C SER A 113 -10.70 15.85 -8.92
N ILE A 114 -10.97 16.50 -7.80
CA ILE A 114 -12.19 17.26 -7.63
C ILE A 114 -12.07 18.56 -8.39
N LYS A 115 -13.09 18.89 -9.18
CA LYS A 115 -13.00 20.07 -10.02
C LYS A 115 -12.91 21.33 -9.17
N GLY A 116 -12.11 22.29 -9.63
CA GLY A 116 -11.88 23.53 -8.93
C GLY A 116 -10.99 23.45 -7.72
N LEU A 117 -10.54 22.27 -7.30
CA LEU A 117 -9.83 22.16 -6.02
C LEU A 117 -8.40 22.71 -6.13
N ASN A 118 -7.69 22.37 -7.20
CA ASN A 118 -6.33 22.84 -7.36
C ASN A 118 -6.26 24.35 -7.42
N ASP A 119 -7.29 25.00 -7.98
CA ASP A 119 -7.33 26.46 -8.00
C ASP A 119 -7.66 27.02 -6.62
N TYR A 120 -8.51 26.33 -5.87
CA TYR A 120 -8.82 26.78 -4.52
C TYR A 120 -7.56 26.86 -3.67
N ILE A 121 -6.69 25.85 -3.78
CA ILE A 121 -5.48 25.79 -2.98
C ILE A 121 -4.48 26.87 -3.42
N THR A 122 -4.81 27.63 -4.47
CA THR A 122 -3.90 28.67 -4.94
C THR A 122 -4.55 30.03 -5.21
N GLY A 123 -5.86 30.20 -5.04
CA GLY A 123 -6.44 31.53 -5.16
C GLY A 123 -6.23 32.35 -3.90
N ALA A 124 -6.19 33.67 -4.10
CA ALA A 124 -5.98 34.59 -3.00
C ALA A 124 -7.16 34.52 -2.02
N ASP A 125 -8.34 34.45 -2.63
CA ASP A 125 -9.60 34.23 -1.88
C ASP A 125 -10.40 33.24 -2.73
N SER A 126 -9.79 32.10 -3.15
CA SER A 126 -10.61 31.23 -3.98
C SER A 126 -11.79 30.75 -3.14
N ASP A 127 -13.00 31.02 -3.64
CA ASP A 127 -14.22 30.67 -2.92
C ASP A 127 -14.44 29.17 -3.08
N PHE A 128 -14.74 28.52 -1.96
CA PHE A 128 -14.89 27.07 -1.95
C PHE A 128 -16.18 26.62 -2.63
N SER A 129 -17.20 27.49 -2.76
CA SER A 129 -18.40 27.09 -3.46
C SER A 129 -18.15 26.83 -4.95
N LYS A 130 -16.99 27.21 -5.48
CA LYS A 130 -16.62 26.82 -6.83
C LYS A 130 -16.02 25.42 -6.90
N VAL A 131 -15.71 24.81 -5.76
CA VAL A 131 -15.10 23.48 -5.74
C VAL A 131 -16.18 22.42 -5.91
N GLY A 132 -15.81 21.32 -6.56
CA GLY A 132 -16.75 20.30 -6.98
C GLY A 132 -17.20 19.32 -5.92
N VAL A 133 -17.55 19.80 -4.72
CA VAL A 133 -18.24 18.98 -3.73
C VAL A 133 -19.40 19.81 -3.19
N LYS A 134 -20.60 19.22 -3.23
CA LYS A 134 -21.82 19.97 -3.00
C LYS A 134 -22.82 19.13 -2.23
N ALA A 135 -23.54 19.77 -1.31
CA ALA A 135 -24.66 19.15 -0.62
C ALA A 135 -25.95 19.62 -1.32
N ILE A 136 -26.50 18.75 -2.17
CA ILE A 136 -27.70 19.10 -2.92
C ILE A 136 -28.91 19.22 -1.98
N ASP A 137 -29.03 18.28 -1.04
CA ASP A 137 -29.94 18.39 0.10
C ASP A 137 -29.33 17.57 1.22
N ASP A 138 -30.07 17.41 2.31
CA ASP A 138 -29.49 16.75 3.49
C ASP A 138 -29.00 15.34 3.17
N GLN A 139 -29.63 14.64 2.23
CA GLN A 139 -29.27 13.26 1.94
C GLN A 139 -28.48 13.08 0.65
N THR A 140 -28.04 14.15 -0.01
CA THR A 140 -27.48 14.05 -1.35
C THR A 140 -26.15 14.81 -1.44
N VAL A 141 -25.06 14.08 -1.65
CA VAL A 141 -23.74 14.67 -1.87
C VAL A 141 -23.34 14.43 -3.33
N GLU A 142 -22.80 15.47 -3.97
CA GLU A 142 -22.45 15.44 -5.37
C GLU A 142 -21.00 15.89 -5.54
N TYR A 143 -20.17 15.05 -6.17
CA TYR A 143 -18.81 15.38 -6.52
C TYR A 143 -18.69 15.60 -8.02
N THR A 144 -18.08 16.71 -8.42
CA THR A 144 -17.76 16.96 -9.83
C THR A 144 -16.25 16.89 -10.01
N LEU A 145 -15.81 16.08 -10.98
CA LEU A 145 -14.38 15.85 -11.16
C LEU A 145 -13.83 16.69 -12.31
N ALA A 146 -12.52 16.90 -12.29
CA ALA A 146 -11.76 17.66 -13.31
C ALA A 146 -11.46 16.79 -14.53
N ARG A 147 -11.51 15.48 -14.36
CA ARG A 147 -11.25 14.52 -15.46
C ARG A 147 -11.92 13.20 -15.11
N PRO A 148 -12.21 12.30 -16.05
CA PRO A 148 -12.82 11.04 -15.70
C PRO A 148 -11.88 10.21 -14.83
N GLU A 149 -12.45 9.53 -13.86
CA GLU A 149 -11.68 8.67 -12.98
C GLU A 149 -12.52 7.42 -12.74
N PRO A 150 -12.31 6.37 -13.52
CA PRO A 150 -13.12 5.14 -13.35
C PRO A 150 -12.97 4.53 -11.99
N TYR A 151 -11.90 4.87 -11.29
CA TYR A 151 -11.58 4.37 -9.96
C TYR A 151 -12.08 5.30 -8.85
N TRP A 152 -12.91 6.30 -9.19
CA TRP A 152 -13.26 7.32 -8.19
C TRP A 152 -13.91 6.70 -6.96
N ASN A 153 -14.83 5.76 -7.18
CA ASN A 153 -15.57 5.23 -6.03
C ASN A 153 -14.62 4.56 -5.04
N SER A 154 -13.58 3.87 -5.54
CA SER A 154 -12.62 3.26 -4.62
C SER A 154 -11.91 4.31 -3.77
N LYS A 155 -11.79 5.55 -4.25
CA LYS A 155 -11.17 6.58 -3.41
C LYS A 155 -11.98 6.86 -2.17
N THR A 156 -13.29 6.63 -2.21
CA THR A 156 -14.13 6.99 -1.07
C THR A 156 -13.90 6.08 0.14
N THR A 157 -13.15 4.99 -0.02
CA THR A 157 -12.73 4.16 1.12
C THR A 157 -11.44 4.66 1.80
N ASN A 158 -10.95 5.83 1.42
CA ASN A 158 -9.86 6.53 2.10
C ASN A 158 -10.45 7.58 3.01
N SER A 159 -9.85 7.78 4.19
CA SER A 159 -10.58 8.57 5.19
C SER A 159 -10.56 10.07 4.91
N ILE A 160 -9.73 10.55 3.98
CA ILE A 160 -9.82 11.96 3.59
C ILE A 160 -11.18 12.27 2.97
N LEU A 161 -11.88 11.25 2.46
CA LEU A 161 -13.21 11.42 1.90
C LEU A 161 -14.32 11.08 2.90
N PHE A 162 -13.99 10.94 4.18
CA PHE A 162 -15.03 10.69 5.18
C PHE A 162 -15.65 12.02 5.62
N PRO A 163 -16.89 12.00 6.11
CA PRO A 163 -17.54 13.25 6.52
C PRO A 163 -17.11 13.68 7.91
N VAL A 164 -17.42 14.93 8.24
CA VAL A 164 -17.24 15.45 9.60
C VAL A 164 -18.33 16.49 9.84
N ASN A 165 -18.87 16.49 11.06
CA ASN A 165 -19.90 17.45 11.46
C ASN A 165 -19.22 18.78 11.78
N GLU A 166 -19.66 19.86 11.11
CA GLU A 166 -18.96 21.14 11.23
C GLU A 166 -19.07 21.72 12.63
N GLU A 167 -20.23 21.59 13.26
CA GLU A 167 -20.38 22.20 14.58
C GLU A 167 -19.50 21.51 15.61
N PHE A 168 -19.43 20.18 15.57
CA PHE A 168 -18.49 19.47 16.40
C PHE A 168 -17.06 19.88 16.08
N LEU A 169 -16.73 19.92 14.78
CA LEU A 169 -15.38 20.29 14.39
C LEU A 169 -15.00 21.66 14.93
N ASN A 170 -15.91 22.63 14.77
CA ASN A 170 -15.66 23.98 15.25
C ASN A 170 -15.58 24.04 16.78
N SER A 171 -16.41 23.27 17.48
CA SER A 171 -16.40 23.34 18.94
C SER A 171 -15.12 22.72 19.52
N LYS A 172 -14.60 21.65 18.90
CA LYS A 172 -13.35 21.06 19.38
C LYS A 172 -12.14 21.89 18.96
N GLY A 173 -12.17 22.46 17.76
CA GLY A 173 -11.04 23.24 17.26
C GLY A 173 -9.76 22.43 17.28
N LYS A 174 -8.75 22.95 17.98
CA LYS A 174 -7.45 22.30 18.04
C LYS A 174 -7.52 20.95 18.76
N ASP A 175 -8.57 20.70 19.53
CA ASP A 175 -8.73 19.43 20.22
C ASP A 175 -9.47 18.38 19.38
N PHE A 176 -9.80 18.66 18.13
CA PHE A 176 -10.37 17.64 17.28
C PHE A 176 -9.33 16.60 16.93
N GLY A 177 -9.73 15.32 16.92
CA GLY A 177 -8.88 14.28 16.41
C GLY A 177 -7.53 14.17 17.08
N THR A 178 -7.54 14.06 18.40
CA THR A 178 -6.32 13.82 19.17
C THR A 178 -6.20 12.32 19.43
N LEU A 179 -5.72 11.92 20.62
CA LEU A 179 -5.83 10.51 21.02
C LEU A 179 -6.89 10.30 22.09
N SER A 180 -7.72 11.30 22.33
CA SER A 180 -8.83 11.15 23.27
C SER A 180 -10.04 10.62 22.53
N PRO A 181 -10.70 9.58 23.03
CA PRO A 181 -11.89 9.07 22.32
C PRO A 181 -12.98 10.11 22.12
N ASP A 182 -13.12 11.10 23.01
CA ASP A 182 -14.17 12.08 22.76
C ASP A 182 -13.75 13.18 21.81
N SER A 183 -12.59 13.07 21.14
CA SER A 183 -12.16 14.13 20.24
C SER A 183 -12.69 13.96 18.82
N ILE A 184 -13.45 12.88 18.56
CA ILE A 184 -14.12 12.68 17.29
C ILE A 184 -15.55 12.24 17.57
N LEU A 185 -16.39 12.28 16.54
CA LEU A 185 -17.70 11.65 16.55
C LEU A 185 -17.63 10.37 15.74
N TYR A 186 -18.56 9.44 16.04
CA TYR A 186 -18.52 8.06 15.57
C TYR A 186 -19.67 7.82 14.61
N SER A 187 -19.36 7.26 13.43
CA SER A 187 -20.40 6.87 12.49
C SER A 187 -20.26 5.44 12.02
N GLY A 188 -19.25 4.71 12.52
CA GLY A 188 -18.97 3.37 12.09
C GLY A 188 -19.52 2.31 13.03
N PRO A 189 -19.07 1.09 12.86
CA PRO A 189 -19.69 -0.04 13.59
C PRO A 189 -19.37 -0.07 15.07
N TYR A 190 -18.29 0.58 15.50
CA TYR A 190 -17.80 0.47 16.87
C TYR A 190 -17.69 1.84 17.50
N LEU A 191 -17.71 1.83 18.83
CA LEU A 191 -17.35 2.96 19.66
C LEU A 191 -16.00 2.69 20.32
N LEU A 192 -15.19 3.73 20.49
CA LEU A 192 -13.89 3.59 21.15
C LEU A 192 -14.11 3.74 22.65
N LYS A 193 -14.15 2.61 23.34
CA LYS A 193 -14.43 2.59 24.78
C LYS A 193 -13.20 2.99 25.58
N ASP A 194 -12.02 2.73 25.06
CA ASP A 194 -10.81 3.11 25.77
C ASP A 194 -9.67 3.22 24.79
N PHE A 195 -8.85 4.24 24.98
CA PHE A 195 -7.51 4.23 24.40
C PHE A 195 -6.55 4.70 25.46
N THR A 196 -5.60 3.86 25.83
CA THR A 196 -4.53 4.20 26.76
C THR A 196 -3.20 3.98 26.05
N SER A 197 -2.46 5.07 25.81
CA SER A 197 -1.23 4.99 25.02
C SER A 197 -0.29 3.93 25.56
N LYS A 198 0.20 3.09 24.64
CA LYS A 198 1.16 2.02 24.95
C LYS A 198 0.59 1.01 25.94
N SER A 199 -0.72 0.82 25.97
CA SER A 199 -1.28 -0.22 26.84
CA SER A 199 -1.24 -0.27 26.80
C SER A 199 -2.50 -0.88 26.23
N SER A 200 -3.50 -0.09 25.83
CA SER A 200 -4.77 -0.72 25.52
C SER A 200 -5.57 0.08 24.51
N ILE A 201 -6.27 -0.65 23.63
CA ILE A 201 -7.33 -0.13 22.79
C ILE A 201 -8.52 -1.03 23.00
N GLU A 202 -9.69 -0.46 23.21
CA GLU A 202 -10.88 -1.29 23.35
C GLU A 202 -12.03 -0.70 22.57
N TYR A 203 -12.63 -1.52 21.71
CA TYR A 203 -13.84 -1.16 20.97
C TYR A 203 -15.03 -1.91 21.54
N VAL A 204 -16.20 -1.27 21.48
CA VAL A 204 -17.45 -1.94 21.77
C VAL A 204 -18.41 -1.74 20.60
N LYS A 205 -19.14 -2.78 20.26
CA LYS A 205 -20.12 -2.67 19.18
C LYS A 205 -21.14 -1.58 19.48
N ASN A 206 -21.38 -0.72 18.50
CA ASN A 206 -22.40 0.31 18.62
C ASN A 206 -23.77 -0.31 18.34
N PRO A 207 -24.63 -0.44 19.35
CA PRO A 207 -25.91 -1.14 19.14
C PRO A 207 -26.89 -0.37 18.28
N HIS A 208 -26.66 0.91 17.99
CA HIS A 208 -27.58 1.70 17.18
C HIS A 208 -26.99 2.05 15.81
N TYR A 209 -25.85 1.47 15.48
CA TYR A 209 -25.27 1.60 14.15
C TYR A 209 -26.22 1.02 13.09
N TYR A 210 -26.30 1.68 11.93
CA TYR A 210 -27.30 1.28 10.92
C TYR A 210 -27.14 -0.18 10.51
N ASP A 211 -25.93 -0.72 10.55
CA ASP A 211 -25.67 -2.09 10.17
C ASP A 211 -25.34 -2.98 11.36
N HIS A 212 -25.87 -2.65 12.55
CA HIS A 212 -25.50 -3.42 13.74
C HIS A 212 -25.82 -4.90 13.59
N ASP A 213 -26.84 -5.23 12.81
CA ASP A 213 -27.22 -6.64 12.70
C ASP A 213 -26.17 -7.47 11.98
N LYS A 214 -25.28 -6.81 11.22
CA LYS A 214 -24.22 -7.49 10.50
C LYS A 214 -22.95 -7.64 11.31
N VAL A 215 -22.90 -7.04 12.50
CA VAL A 215 -21.68 -6.99 13.31
C VAL A 215 -21.78 -8.12 14.34
N SER A 216 -20.82 -9.04 14.29
CA SER A 216 -20.84 -10.21 15.16
CA SER A 216 -20.84 -10.22 15.15
C SER A 216 -19.93 -10.09 16.36
N ILE A 217 -18.80 -9.40 16.22
CA ILE A 217 -17.87 -9.23 17.33
C ILE A 217 -18.34 -8.04 18.14
N GLU A 218 -18.68 -8.27 19.41
CA GLU A 218 -19.20 -7.21 20.25
C GLU A 218 -18.12 -6.46 21.00
N HIS A 219 -16.96 -7.09 21.22
CA HIS A 219 -15.87 -6.49 21.98
C HIS A 219 -14.57 -6.76 21.27
N VAL A 220 -13.75 -5.72 21.13
CA VAL A 220 -12.40 -5.86 20.57
C VAL A 220 -11.42 -5.28 21.57
N LYS A 221 -10.52 -6.11 22.07
CA LYS A 221 -9.54 -5.71 23.06
C LYS A 221 -8.14 -5.93 22.50
N LEU A 222 -7.36 -4.86 22.42
CA LEU A 222 -6.01 -4.92 21.90
C LEU A 222 -5.05 -4.48 22.99
N ALA A 223 -4.09 -5.33 23.33
CA ALA A 223 -3.05 -5.00 24.29
C ALA A 223 -1.78 -4.59 23.54
N TYR A 224 -1.09 -3.58 24.05
CA TYR A 224 0.13 -3.13 23.40
C TYR A 224 1.21 -4.20 23.46
N PHE A 225 1.87 -4.42 22.32
CA PHE A 225 2.98 -5.37 22.21
C PHE A 225 4.23 -4.59 21.86
N ASP A 226 5.23 -4.60 22.74
CA ASP A 226 6.36 -3.69 22.63
C ASP A 226 7.52 -4.24 21.80
N GLY A 227 7.34 -5.38 21.13
CA GLY A 227 8.36 -5.95 20.29
C GLY A 227 9.26 -6.96 20.97
N SER A 228 9.33 -6.95 22.29
CA SER A 228 10.17 -7.86 23.04
C SER A 228 9.37 -9.08 23.49
N ASP A 229 10.09 -10.05 24.07
CA ASP A 229 9.49 -11.21 24.72
C ASP A 229 8.45 -11.88 23.83
N GLN A 230 8.85 -12.11 22.57
CA GLN A 230 7.95 -12.69 21.58
C GLN A 230 7.45 -14.08 22.00
N GLU A 231 8.14 -14.74 22.92
CA GLU A 231 7.83 -16.12 23.28
C GLU A 231 6.52 -16.29 24.06
N LEU A 232 5.76 -15.22 24.33
CA LEU A 232 4.64 -15.34 25.26
C LEU A 232 3.25 -15.14 24.68
N THR A 233 3.12 -14.59 23.47
CA THR A 233 1.76 -14.42 22.94
C THR A 233 1.16 -15.75 22.49
N ILE A 234 1.98 -16.75 22.19
CA ILE A 234 1.40 -18.07 21.93
C ILE A 234 0.78 -18.64 23.20
N ARG A 235 1.44 -18.42 24.34
CA ARG A 235 0.86 -18.90 25.60
C ARG A 235 -0.50 -18.28 25.85
N ASN A 236 -0.68 -17.01 25.46
CA ASN A 236 -1.98 -16.37 25.57
C ASN A 236 -2.98 -16.94 24.57
N PHE A 237 -2.52 -17.48 23.44
CA PHE A 237 -3.43 -18.15 22.53
C PHE A 237 -3.93 -19.47 23.12
N GLU A 238 -3.01 -20.28 23.68
CA GLU A 238 -3.41 -21.55 24.28
C GLU A 238 -4.38 -21.36 25.44
N SER A 239 -4.19 -20.31 26.23
CA SER A 239 -5.03 -20.07 27.41
C SER A 239 -6.40 -19.53 27.04
N GLY A 240 -6.60 -19.08 25.81
CA GLY A 240 -7.84 -18.42 25.43
C GLY A 240 -7.84 -16.93 25.66
N ALA A 241 -6.72 -16.35 26.09
CA ALA A 241 -6.66 -14.90 26.30
C ALA A 241 -6.58 -14.14 24.99
N TYR A 242 -6.09 -14.76 23.92
CA TYR A 242 -5.96 -14.11 22.62
C TYR A 242 -6.73 -14.90 21.57
N SER A 243 -7.29 -14.18 20.59
CA SER A 243 -8.00 -14.78 19.47
C SER A 243 -7.06 -15.18 18.35
N ILE A 244 -5.82 -14.70 18.37
CA ILE A 244 -4.90 -14.88 17.25
C ILE A 244 -3.50 -14.68 17.81
N ALA A 245 -2.53 -15.38 17.23
CA ALA A 245 -1.15 -15.24 17.69
C ALA A 245 -0.22 -15.37 16.49
N GLY A 246 0.61 -14.36 16.30
CA GLY A 246 1.65 -14.47 15.30
C GLY A 246 2.68 -15.51 15.66
N VAL A 247 3.27 -16.11 14.63
CA VAL A 247 4.38 -17.06 14.76
C VAL A 247 5.60 -16.38 14.15
N TYR A 248 6.58 -16.05 14.99
CA TYR A 248 7.68 -15.22 14.51
C TYR A 248 8.98 -16.00 14.55
N PRO A 249 9.80 -15.90 13.49
CA PRO A 249 11.13 -16.55 13.52
C PRO A 249 12.04 -15.99 14.58
N ASN A 250 11.85 -14.73 14.96
CA ASN A 250 12.66 -14.09 15.99
C ASN A 250 12.31 -14.56 17.40
N SER A 251 11.61 -15.68 17.56
CA SER A 251 11.18 -16.12 18.87
C SER A 251 11.97 -17.34 19.34
N SER A 252 11.75 -17.69 20.61
CA SER A 252 12.56 -18.68 21.31
C SER A 252 11.85 -20.00 21.55
N ASN A 253 10.51 -20.01 21.53
CA ASN A 253 9.71 -21.20 21.71
C ASN A 253 9.30 -21.81 20.39
N PHE A 254 9.80 -21.26 19.27
CA PHE A 254 9.43 -21.65 17.93
C PHE A 254 9.23 -23.16 17.72
N ALA A 255 10.25 -23.95 18.06
CA ALA A 255 10.25 -25.40 17.84
C ALA A 255 8.93 -26.01 18.27
N LYS A 256 8.63 -25.89 19.57
CA LYS A 256 7.39 -26.45 20.15
C LYS A 256 6.15 -25.79 19.52
N THR A 257 6.26 -24.52 19.13
CA THR A 257 5.13 -23.83 18.54
C THR A 257 4.81 -24.39 17.16
N LYS A 258 5.81 -24.38 16.27
CA LYS A 258 5.60 -24.85 14.91
C LYS A 258 5.10 -26.29 14.90
N GLU A 259 5.63 -27.14 15.79
CA GLU A 259 5.28 -28.55 15.69
C GLU A 259 3.96 -28.85 16.39
N LYS A 260 3.64 -28.14 17.48
CA LYS A 260 2.33 -28.38 18.08
C LYS A 260 1.22 -27.82 17.20
N TYR A 261 1.48 -26.72 16.49
CA TYR A 261 0.49 -26.08 15.62
C TYR A 261 0.77 -26.29 14.14
N LYS A 262 1.50 -27.36 13.79
CA LYS A 262 1.88 -27.52 12.39
C LYS A 262 0.66 -27.62 11.49
N ASP A 263 -0.46 -28.11 11.99
CA ASP A 263 -1.65 -28.18 11.14
C ASP A 263 -2.58 -26.99 11.32
N ASN A 264 -2.14 -25.95 12.05
CA ASN A 264 -2.91 -24.72 12.22
C ASN A 264 -2.23 -23.47 11.68
N ILE A 265 -0.93 -23.52 11.38
CA ILE A 265 -0.26 -22.30 10.95
C ILE A 265 -0.77 -21.91 9.57
N VAL A 266 -1.32 -20.70 9.46
CA VAL A 266 -1.83 -20.17 8.19
C VAL A 266 -1.09 -18.87 7.88
N TYR A 267 -1.04 -18.53 6.61
CA TYR A 267 -0.37 -17.30 6.15
C TYR A 267 -1.41 -16.31 5.64
N SER A 268 -1.25 -15.05 6.03
CA SER A 268 -2.17 -14.04 5.59
C SER A 268 -1.96 -13.72 4.11
N LEU A 269 -3.01 -13.20 3.48
CA LEU A 269 -2.90 -12.74 2.10
C LEU A 269 -1.77 -11.71 1.99
N GLN A 270 -1.15 -11.68 0.81
CA GLN A 270 -0.24 -10.58 0.49
C GLN A 270 -1.04 -9.28 0.45
N ASP A 271 -0.55 -8.25 1.15
CA ASP A 271 -1.31 -7.02 1.29
C ASP A 271 -0.90 -6.01 0.21
N LYS A 272 -1.19 -4.73 0.47
CA LYS A 272 -1.20 -3.72 -0.58
C LYS A 272 0.10 -2.92 -0.72
N THR A 273 1.12 -3.20 0.09
CA THR A 273 2.41 -2.51 -0.04
C THR A 273 3.30 -3.28 -1.00
N SER A 274 3.73 -2.61 -2.06
CA SER A 274 4.65 -3.19 -3.05
C SER A 274 6.04 -2.67 -2.74
N TRP A 275 6.92 -3.57 -2.33
CA TRP A 275 8.32 -3.24 -2.01
C TRP A 275 9.21 -3.49 -3.21
N TYR A 276 10.25 -2.67 -3.33
CA TYR A 276 11.14 -2.78 -4.48
C TYR A 276 12.51 -2.25 -4.09
N PHE A 277 13.50 -2.59 -4.90
CA PHE A 277 14.79 -1.92 -4.88
C PHE A 277 14.81 -0.92 -6.03
N ASN A 278 15.39 0.26 -5.81
CA ASN A 278 15.51 1.23 -6.91
C ASN A 278 16.90 1.83 -6.95
N PHE A 279 17.33 2.26 -8.14
CA PHE A 279 18.61 2.94 -8.26
C PHE A 279 18.45 4.43 -8.10
N ASN A 280 19.53 5.09 -7.65
CA ASN A 280 19.71 6.53 -7.81
C ASN A 280 20.57 6.71 -9.06
N VAL A 281 20.00 7.28 -10.12
CA VAL A 281 20.74 7.46 -11.37
C VAL A 281 21.17 8.91 -11.56
N ASN A 282 21.19 9.70 -10.49
CA ASN A 282 21.59 11.10 -10.61
C ASN A 282 22.13 11.58 -9.27
N ARG A 283 23.03 10.78 -8.68
CA ARG A 283 23.44 11.03 -7.31
C ARG A 283 24.30 12.27 -7.21
N LYS A 284 23.99 13.11 -6.23
CA LYS A 284 24.78 14.29 -5.94
C LYS A 284 25.32 14.32 -4.52
N ALA A 285 24.61 13.71 -3.58
CA ALA A 285 25.00 13.70 -2.18
C ALA A 285 25.86 12.47 -1.90
N TYR A 286 27.07 12.69 -1.39
CA TYR A 286 28.00 11.60 -1.08
C TYR A 286 28.50 11.70 0.35
N ASN A 287 27.63 12.04 1.28
CA ASN A 287 28.02 12.04 2.68
C ASN A 287 28.07 10.63 3.27
N HIS A 288 27.50 9.64 2.59
CA HIS A 288 27.45 8.26 3.10
C HIS A 288 27.92 7.33 2.00
N THR A 289 29.24 7.16 1.90
CA THR A 289 29.78 6.34 0.83
C THR A 289 31.06 5.68 1.32
N SER A 290 31.34 4.50 0.80
CA SER A 290 32.64 3.88 0.99
C SER A 290 33.61 4.22 -0.13
N LYS A 291 33.17 4.97 -1.13
CA LYS A 291 34.05 5.37 -2.20
C LYS A 291 34.93 6.51 -1.73
N THR A 292 36.20 6.50 -2.15
CA THR A 292 37.15 7.50 -1.69
C THR A 292 37.66 8.43 -2.79
N THR A 293 37.35 8.18 -4.06
CA THR A 293 37.89 9.01 -5.13
C THR A 293 36.79 9.48 -6.07
N ASP A 294 37.06 10.60 -6.72
CA ASP A 294 36.13 11.12 -7.71
C ASP A 294 35.94 10.13 -8.86
N GLU A 295 37.01 9.40 -9.21
CA GLU A 295 36.91 8.44 -10.31
C GLU A 295 35.98 7.29 -9.96
N GLN A 296 36.02 6.81 -8.71
CA GLN A 296 35.06 5.77 -8.31
C GLN A 296 33.63 6.27 -8.42
N LYS A 297 33.39 7.50 -7.98
CA LYS A 297 32.04 8.04 -8.05
C LYS A 297 31.60 8.20 -9.50
N LYS A 298 32.50 8.66 -10.36
CA LYS A 298 32.21 8.75 -11.79
C LYS A 298 31.92 7.36 -12.36
N SER A 299 32.73 6.36 -11.99
CA SER A 299 32.46 5.01 -12.48
C SER A 299 31.09 4.51 -12.06
N THR A 300 30.72 4.72 -10.80
CA THR A 300 29.42 4.28 -10.33
C THR A 300 28.29 5.03 -11.02
N GLU A 301 28.45 6.35 -11.16
CA GLU A 301 27.41 7.13 -11.82
C GLU A 301 27.17 6.65 -13.24
N THR A 302 28.24 6.28 -13.94
CA THR A 302 28.11 5.80 -15.33
C THR A 302 27.51 4.40 -15.38
N ALA A 303 27.92 3.52 -14.44
CA ALA A 303 27.36 2.16 -14.39
C ALA A 303 25.85 2.18 -14.19
N VAL A 304 25.36 2.93 -13.19
CA VAL A 304 23.92 2.84 -12.93
C VAL A 304 23.10 3.42 -14.08
N LEU A 305 23.72 4.22 -14.96
CA LEU A 305 22.99 4.69 -16.13
C LEU A 305 22.99 3.67 -17.23
N ASN A 306 23.72 2.56 -17.08
CA ASN A 306 23.81 1.54 -18.12
C ASN A 306 22.72 0.51 -17.89
N LYS A 307 21.88 0.29 -18.89
CA LYS A 307 20.73 -0.58 -18.69
C LYS A 307 21.16 -2.03 -18.50
N ASN A 308 22.18 -2.49 -19.24
CA ASN A 308 22.66 -3.85 -19.04
C ASN A 308 23.17 -4.04 -17.62
N PHE A 309 23.79 -3.02 -17.04
CA PHE A 309 24.28 -3.12 -15.66
C PHE A 309 23.10 -3.25 -14.69
N ARG A 310 22.08 -2.43 -14.87
CA ARG A 310 20.94 -2.51 -13.96
C ARG A 310 20.23 -3.86 -14.09
N GLN A 311 20.11 -4.37 -15.32
CA GLN A 311 19.49 -5.67 -15.50
C GLN A 311 20.34 -6.79 -14.89
N ALA A 312 21.66 -6.67 -14.98
CA ALA A 312 22.54 -7.67 -14.38
C ALA A 312 22.31 -7.75 -12.86
N VAL A 313 22.25 -6.59 -12.20
CA VAL A 313 21.94 -6.56 -10.77
C VAL A 313 20.58 -7.18 -10.51
N ASN A 314 19.60 -6.82 -11.35
CA ASN A 314 18.25 -7.35 -11.22
C ASN A 314 18.23 -8.89 -11.25
N PHE A 315 18.93 -9.49 -12.21
CA PHE A 315 18.94 -10.94 -12.33
C PHE A 315 19.78 -11.60 -11.24
N ALA A 316 20.64 -10.85 -10.56
CA ALA A 316 21.46 -11.41 -9.49
C ALA A 316 20.89 -11.15 -8.11
N LEU A 317 19.80 -10.40 -8.01
CA LEU A 317 19.21 -10.07 -6.72
C LEU A 317 18.26 -11.20 -6.32
N ASP A 318 18.69 -12.02 -5.38
CA ASP A 318 17.94 -13.18 -4.91
C ASP A 318 16.89 -12.66 -3.92
N ARG A 319 15.64 -12.57 -4.35
CA ARG A 319 14.60 -11.99 -3.51
C ARG A 319 14.26 -12.91 -2.35
N THR A 320 14.39 -14.22 -2.55
CA THR A 320 14.07 -15.18 -1.49
C THR A 320 15.04 -15.03 -0.32
N ALA A 321 16.34 -14.92 -0.61
CA ALA A 321 17.32 -14.80 0.45
C ALA A 321 17.10 -13.53 1.26
N TYR A 322 16.74 -12.44 0.58
CA TYR A 322 16.42 -11.21 1.29
C TYR A 322 15.20 -11.39 2.19
N SER A 323 14.13 -11.97 1.65
CA SER A 323 12.92 -12.22 2.43
C SER A 323 13.18 -13.19 3.57
N ALA A 324 14.05 -14.17 3.37
CA ALA A 324 14.33 -15.15 4.41
C ALA A 324 14.91 -14.49 5.66
N GLN A 325 15.65 -13.40 5.48
CA GLN A 325 16.29 -12.75 6.63
C GLN A 325 15.28 -12.01 7.49
N SER A 326 14.36 -11.27 6.86
CA SER A 326 13.35 -10.55 7.63
C SER A 326 12.26 -11.48 8.14
N ASN A 327 11.74 -12.33 7.27
CA ASN A 327 10.72 -13.28 7.70
C ASN A 327 11.37 -14.64 7.92
N GLY A 328 10.64 -15.73 7.72
CA GLY A 328 11.22 -17.04 7.86
C GLY A 328 11.78 -17.54 6.53
N GLU A 329 12.77 -18.44 6.60
CA GLU A 329 13.32 -19.00 5.37
C GLU A 329 12.41 -20.04 4.78
N GLU A 330 11.60 -20.69 5.63
CA GLU A 330 10.48 -21.47 5.15
C GLU A 330 9.48 -20.60 4.39
N ALA A 331 8.99 -19.55 5.04
CA ALA A 331 7.94 -18.68 4.52
C ALA A 331 8.46 -17.53 3.69
N ALA A 332 9.76 -17.52 3.36
CA ALA A 332 10.33 -16.41 2.60
C ALA A 332 9.59 -16.19 1.30
N SER A 333 9.17 -17.28 0.64
CA SER A 333 8.55 -17.17 -0.67
C SER A 333 7.12 -16.63 -0.62
N LYS A 334 6.48 -16.65 0.55
CA LYS A 334 5.08 -16.24 0.63
C LYS A 334 4.89 -14.78 0.26
N THR A 335 5.88 -13.93 0.50
CA THR A 335 5.73 -12.50 0.24
C THR A 335 6.33 -12.06 -1.08
N LEU A 336 6.85 -12.97 -1.90
CA LEU A 336 7.54 -12.53 -3.10
C LEU A 336 6.60 -11.83 -4.08
N LEU A 337 7.09 -10.77 -4.70
CA LEU A 337 6.28 -9.93 -5.59
C LEU A 337 7.19 -9.49 -6.73
N ASN A 338 6.73 -9.63 -7.97
CA ASN A 338 7.57 -9.36 -9.14
C ASN A 338 7.16 -8.13 -9.95
N THR A 339 6.15 -7.38 -9.54
CA THR A 339 5.63 -6.21 -10.24
C THR A 339 5.31 -5.11 -9.22
N LEU A 340 5.20 -3.88 -9.71
CA LEU A 340 4.76 -2.74 -8.85
C LEU A 340 3.27 -2.98 -8.59
N VAL A 341 2.51 -3.15 -9.68
CA VAL A 341 1.09 -3.51 -9.65
C VAL A 341 1.03 -5.00 -9.33
N PRO A 342 0.42 -5.42 -8.23
CA PRO A 342 0.30 -6.85 -7.94
C PRO A 342 -0.34 -7.58 -9.11
N PRO A 343 0.12 -8.80 -9.40
CA PRO A 343 -0.23 -9.42 -10.70
C PRO A 343 -1.69 -9.80 -10.81
N THR A 344 -2.42 -9.98 -9.71
CA THR A 344 -3.87 -10.14 -9.77
C THR A 344 -4.61 -8.92 -9.21
N PHE A 345 -3.98 -7.75 -9.25
CA PHE A 345 -4.62 -6.52 -8.78
C PHE A 345 -5.87 -6.21 -9.58
N VAL A 346 -5.80 -6.39 -10.91
CA VAL A 346 -6.97 -6.34 -11.77
C VAL A 346 -6.89 -7.54 -12.71
N GLN A 347 -8.03 -7.86 -13.29
CA GLN A 347 -8.10 -8.81 -14.39
C GLN A 347 -8.13 -8.06 -15.71
N VAL A 348 -7.53 -8.65 -16.73
CA VAL A 348 -7.54 -8.11 -18.09
C VAL A 348 -8.21 -9.15 -18.96
N GLY A 349 -9.52 -9.02 -19.15
CA GLY A 349 -10.26 -10.05 -19.86
C GLY A 349 -10.14 -11.36 -19.10
N ASP A 350 -9.76 -12.42 -19.84
CA ASP A 350 -9.57 -13.74 -19.23
C ASP A 350 -8.24 -13.88 -18.50
N LYS A 351 -7.36 -12.88 -18.56
CA LYS A 351 -6.01 -13.01 -18.04
C LYS A 351 -5.80 -12.13 -16.82
N THR A 352 -4.78 -12.48 -16.03
CA THR A 352 -4.38 -11.63 -14.92
C THR A 352 -3.51 -10.49 -15.43
N PHE A 353 -3.47 -9.41 -14.66
CA PHE A 353 -2.57 -8.31 -15.02
C PHE A 353 -1.15 -8.81 -15.20
N GLY A 354 -0.71 -9.72 -14.32
CA GLY A 354 0.66 -10.21 -14.41
C GLY A 354 0.93 -11.04 -15.65
N GLU A 355 -0.05 -11.83 -16.08
CA GLU A 355 0.10 -12.58 -17.32
C GLU A 355 0.22 -11.64 -18.51
N VAL A 356 -0.53 -10.54 -18.50
CA VAL A 356 -0.47 -9.62 -19.64
C VAL A 356 0.84 -8.84 -19.61
N VAL A 357 1.30 -8.41 -18.42
CA VAL A 357 2.62 -7.78 -18.33
C VAL A 357 3.69 -8.69 -18.89
N ALA A 358 3.65 -9.98 -18.54
CA ALA A 358 4.68 -10.90 -19.02
C ALA A 358 4.66 -10.97 -20.53
N SER A 359 3.47 -11.03 -21.14
CA SER A 359 3.40 -11.13 -22.60
C SER A 359 4.01 -9.90 -23.26
N LYS A 360 3.84 -8.72 -22.67
CA LYS A 360 4.47 -7.54 -23.25
C LYS A 360 5.97 -7.51 -22.98
N LEU A 361 6.38 -8.00 -21.81
CA LEU A 361 7.80 -7.91 -21.42
C LEU A 361 8.68 -8.79 -22.28
N VAL A 362 8.16 -9.94 -22.76
CA VAL A 362 9.00 -10.82 -23.57
CA VAL A 362 8.97 -10.84 -23.59
C VAL A 362 9.45 -10.13 -24.86
N ASN A 363 8.67 -9.18 -25.36
CA ASN A 363 9.06 -8.45 -26.55
C ASN A 363 10.32 -7.60 -26.35
N TYR A 364 10.69 -7.31 -25.11
CA TYR A 364 11.84 -6.44 -24.87
C TYR A 364 13.18 -7.15 -25.02
N GLY A 365 13.22 -8.47 -25.08
CA GLY A 365 14.48 -9.16 -25.21
C GLY A 365 14.44 -10.63 -24.84
N THR A 366 15.35 -11.43 -25.41
CA THR A 366 15.35 -12.86 -25.14
C THR A 366 15.59 -13.18 -23.67
N GLU A 367 16.20 -12.28 -22.92
CA GLU A 367 16.40 -12.52 -21.49
C GLU A 367 15.08 -12.61 -20.74
N TRP A 368 14.00 -12.10 -21.33
CA TRP A 368 12.69 -12.15 -20.71
C TRP A 368 11.83 -13.29 -21.21
N SER A 369 12.32 -14.09 -22.15
CA SER A 369 11.52 -15.19 -22.65
C SER A 369 11.22 -16.16 -21.52
N GLY A 370 9.96 -16.58 -21.42
CA GLY A 370 9.56 -17.50 -20.38
C GLY A 370 9.31 -16.89 -19.02
N ILE A 371 9.44 -15.57 -18.89
CA ILE A 371 9.26 -14.94 -17.59
C ILE A 371 7.87 -15.23 -17.04
N ASN A 372 7.79 -15.52 -15.75
CA ASN A 372 6.55 -15.78 -15.03
C ASN A 372 6.48 -14.77 -13.89
N LEU A 373 5.52 -13.85 -13.95
CA LEU A 373 5.47 -12.77 -12.96
C LEU A 373 4.52 -13.07 -11.81
N ALA A 374 4.09 -14.33 -11.64
CA ALA A 374 3.13 -14.65 -10.59
C ALA A 374 3.70 -14.38 -9.19
N ASP A 375 2.78 -14.15 -8.25
CA ASP A 375 3.09 -13.96 -6.84
C ASP A 375 3.79 -15.18 -6.25
N ALA A 376 4.50 -14.93 -5.14
CA ALA A 376 4.99 -15.98 -4.24
C ALA A 376 6.03 -16.87 -4.90
N GLN A 377 6.73 -16.36 -5.92
CA GLN A 377 7.90 -16.99 -6.48
C GLN A 377 8.78 -15.88 -7.03
N ASP A 378 10.05 -16.17 -7.23
CA ASP A 378 11.01 -15.15 -7.69
C ASP A 378 11.12 -15.25 -9.21
N ALA A 379 10.58 -14.25 -9.91
CA ALA A 379 10.61 -14.26 -11.37
C ALA A 379 12.00 -14.03 -11.93
N TYR A 380 12.90 -13.42 -11.17
CA TYR A 380 14.07 -12.77 -11.76
C TYR A 380 15.36 -13.56 -11.58
N PHE A 381 15.61 -14.06 -10.38
CA PHE A 381 16.94 -14.54 -10.04
C PHE A 381 17.41 -15.62 -11.01
N ASN A 382 18.55 -15.38 -11.64
CA ASN A 382 19.06 -16.29 -12.66
C ASN A 382 20.53 -15.96 -12.85
N LYS A 383 21.41 -16.84 -12.33
CA LYS A 383 22.84 -16.57 -12.33
C LYS A 383 23.38 -16.37 -13.73
N GLU A 384 23.05 -17.29 -14.65
CA GLU A 384 23.64 -17.21 -15.98
C GLU A 384 23.16 -15.97 -16.71
N LYS A 385 21.90 -15.59 -16.52
CA LYS A 385 21.40 -14.37 -17.17
C LYS A 385 22.09 -13.14 -16.61
N ALA A 386 22.27 -13.09 -15.29
CA ALA A 386 22.97 -11.98 -14.66
C ALA A 386 24.41 -11.87 -15.16
N GLN A 387 25.09 -13.00 -15.28
CA GLN A 387 26.50 -12.96 -15.66
C GLN A 387 26.67 -12.54 -17.11
N ALA A 388 25.78 -12.99 -17.99
CA ALA A 388 25.82 -12.58 -19.39
C ALA A 388 25.53 -11.10 -19.52
N LYS A 389 24.52 -10.61 -18.79
CA LYS A 389 24.22 -9.18 -18.81
C LYS A 389 25.40 -8.36 -18.28
N PHE A 390 26.02 -8.84 -17.19
CA PHE A 390 27.12 -8.05 -16.66
C PHE A 390 28.29 -8.00 -17.63
N ALA A 391 28.57 -9.12 -18.29
CA ALA A 391 29.67 -9.13 -19.26
C ALA A 391 29.44 -8.13 -20.37
N GLU A 392 28.18 -7.99 -20.83
CA GLU A 392 27.90 -6.97 -21.84
C GLU A 392 28.08 -5.57 -21.26
N ALA A 393 27.56 -5.35 -20.06
CA ALA A 393 27.72 -4.05 -19.38
C ALA A 393 29.19 -3.71 -19.21
N LYS A 394 30.01 -4.68 -18.80
CA LYS A 394 31.40 -4.39 -18.52
C LYS A 394 32.14 -3.98 -19.78
N LYS A 395 31.81 -4.60 -20.92
CA LYS A 395 32.43 -4.20 -22.19
C LYS A 395 32.00 -2.77 -22.56
N GLU A 396 30.72 -2.47 -22.43
CA GLU A 396 30.22 -1.13 -22.76
C GLU A 396 30.82 -0.08 -21.84
N LEU A 397 30.88 -0.37 -20.55
CA LEU A 397 31.33 0.61 -19.58
C LEU A 397 32.85 0.80 -19.63
N THR A 398 33.60 -0.29 -19.80
CA THR A 398 35.05 -0.14 -19.99
C THR A 398 35.33 0.76 -21.18
N SER A 399 34.58 0.57 -22.28
CA SER A 399 34.75 1.39 -23.47
C SER A 399 34.51 2.87 -23.17
N GLN A 400 33.73 3.16 -22.12
CA GLN A 400 33.40 4.52 -21.73
C GLN A 400 34.35 5.10 -20.69
N GLY A 401 35.39 4.36 -20.29
CA GLY A 401 36.36 4.86 -19.34
C GLY A 401 36.14 4.49 -17.89
N VAL A 402 35.19 3.61 -17.58
CA VAL A 402 34.84 3.24 -16.20
C VAL A 402 35.84 2.21 -15.68
N THR A 403 36.06 2.22 -14.36
CA THR A 403 36.94 1.26 -13.71
C THR A 403 36.13 0.31 -12.83
N PHE A 404 36.48 -0.97 -12.87
CA PHE A 404 35.83 -1.98 -12.07
C PHE A 404 36.69 -2.37 -10.89
N PRO A 405 36.09 -2.90 -9.80
CA PRO A 405 34.65 -3.18 -9.62
C PRO A 405 33.83 -1.92 -9.37
N ILE A 406 32.54 -1.95 -9.71
CA ILE A 406 31.61 -0.87 -9.38
C ILE A 406 31.20 -1.01 -7.92
N HIS A 407 31.41 0.05 -7.13
CA HIS A 407 30.93 0.08 -5.75
C HIS A 407 29.56 0.74 -5.71
N LEU A 408 28.61 0.08 -5.04
CA LEU A 408 27.25 0.61 -4.85
C LEU A 408 26.99 0.78 -3.36
N ASP A 409 26.62 2.01 -2.96
CA ASP A 409 26.19 2.27 -1.59
C ASP A 409 24.70 1.99 -1.44
N VAL A 410 24.34 1.31 -0.34
CA VAL A 410 22.95 1.19 0.08
C VAL A 410 22.91 1.48 1.57
N ALA A 411 21.95 2.27 1.99
CA ALA A 411 21.81 2.64 3.39
C ALA A 411 20.77 1.75 4.06
N VAL A 412 20.98 1.44 5.35
CA VAL A 412 19.98 0.74 6.14
C VAL A 412 19.84 1.43 7.49
N ASP A 413 18.67 1.28 8.10
CA ASP A 413 18.46 1.67 9.48
C ASP A 413 19.04 0.59 10.38
N GLN A 414 20.12 0.92 11.09
CA GLN A 414 20.82 -0.11 11.84
C GLN A 414 20.02 -0.63 13.03
N THR A 415 18.94 0.03 13.41
CA THR A 415 18.09 -0.45 14.49
C THR A 415 17.04 -1.46 14.04
N SER A 416 16.87 -1.69 12.74
CA SER A 416 16.04 -2.78 12.22
C SER A 416 16.94 -3.98 11.98
N LYS A 417 16.79 -5.03 12.81
CA LYS A 417 17.66 -6.20 12.63
C LYS A 417 17.36 -6.92 11.33
N ASN A 418 16.09 -6.97 10.95
CA ASN A 418 15.76 -7.57 9.66
C ASN A 418 16.39 -6.78 8.51
N ALA A 419 16.63 -5.49 8.70
CA ALA A 419 17.18 -4.68 7.60
C ALA A 419 18.67 -4.93 7.40
N VAL A 420 19.43 -5.07 8.49
CA VAL A 420 20.87 -5.30 8.34
C VAL A 420 21.13 -6.70 7.79
N THR A 421 20.49 -7.70 8.38
CA THR A 421 20.62 -9.07 7.89
C THR A 421 20.13 -9.20 6.45
N GLY A 422 19.08 -8.47 6.09
CA GLY A 422 18.58 -8.52 4.73
C GLY A 422 19.57 -7.96 3.72
N MET A 423 20.08 -6.76 3.99
CA MET A 423 20.98 -6.11 3.03
C MET A 423 22.31 -6.83 2.94
N ASN A 424 22.78 -7.42 4.06
CA ASN A 424 23.98 -8.25 3.99
C ASN A 424 23.76 -9.46 3.11
N SER A 425 22.54 -9.99 3.07
CA SER A 425 22.24 -11.09 2.16
C SER A 425 22.31 -10.61 0.72
N VAL A 426 21.82 -9.40 0.44
CA VAL A 426 21.87 -8.85 -0.90
C VAL A 426 23.33 -8.66 -1.34
N LYS A 427 24.15 -8.09 -0.45
CA LYS A 427 25.58 -7.96 -0.73
C LYS A 427 26.18 -9.33 -1.05
N GLN A 428 25.90 -10.33 -0.20
CA GLN A 428 26.48 -11.66 -0.38
C GLN A 428 26.10 -12.26 -1.74
N THR A 429 24.82 -12.22 -2.08
CA THR A 429 24.37 -12.82 -3.33
C THR A 429 24.90 -12.08 -4.54
N LEU A 430 24.78 -10.74 -4.54
CA LEU A 430 25.23 -9.97 -5.70
C LEU A 430 26.72 -10.21 -5.96
N GLU A 431 27.54 -10.19 -4.91
CA GLU A 431 28.97 -10.39 -5.11
C GLU A 431 29.29 -11.82 -5.47
N SER A 432 28.54 -12.79 -4.93
CA SER A 432 28.78 -14.17 -5.30
C SER A 432 28.46 -14.42 -6.77
N VAL A 433 27.36 -13.85 -7.25
CA VAL A 433 26.89 -14.14 -8.61
C VAL A 433 27.69 -13.34 -9.63
N LEU A 434 27.87 -12.05 -9.40
CA LEU A 434 28.52 -11.21 -10.39
C LEU A 434 30.02 -11.15 -10.21
N GLY A 435 30.52 -11.45 -9.01
CA GLY A 435 31.95 -11.44 -8.73
C GLY A 435 32.38 -10.17 -8.02
N SER A 436 33.16 -10.28 -6.95
CA SER A 436 33.60 -9.07 -6.26
C SER A 436 34.68 -8.33 -7.05
N ASP A 437 35.23 -8.94 -8.10
CA ASP A 437 36.04 -8.15 -9.03
C ASP A 437 35.19 -7.36 -10.01
N ASN A 438 33.86 -7.48 -9.93
CA ASN A 438 32.96 -6.75 -10.80
C ASN A 438 32.08 -5.76 -10.05
N ILE A 439 31.64 -6.10 -8.85
CA ILE A 439 30.71 -5.26 -8.08
C ILE A 439 31.02 -5.44 -6.61
N VAL A 440 30.87 -4.36 -5.84
CA VAL A 440 31.03 -4.38 -4.39
C VAL A 440 29.87 -3.60 -3.80
N ILE A 441 29.09 -4.25 -2.94
CA ILE A 441 27.97 -3.59 -2.27
C ILE A 441 28.47 -3.09 -0.92
N ASP A 442 28.38 -1.78 -0.71
CA ASP A 442 28.86 -1.13 0.49
C ASP A 442 27.65 -0.71 1.31
N VAL A 443 27.38 -1.44 2.39
CA VAL A 443 26.21 -1.14 3.22
C VAL A 443 26.55 -0.03 4.19
N GLN A 444 25.71 1.01 4.24
CA GLN A 444 25.92 2.15 5.12
C GLN A 444 24.92 2.01 6.27
N GLN A 445 25.37 1.53 7.43
CA GLN A 445 24.49 1.44 8.58
C GLN A 445 24.34 2.81 9.23
N LEU A 446 23.10 3.22 9.45
CA LEU A 446 22.83 4.57 9.93
C LEU A 446 21.80 4.51 11.05
N SER A 447 21.83 5.50 11.93
CA SER A 447 20.75 5.67 12.89
C SER A 447 19.44 5.90 12.13
N THR A 448 18.32 5.71 12.84
CA THR A 448 17.01 5.91 12.22
C THR A 448 16.90 7.33 11.65
N ASP A 449 17.39 8.33 12.39
CA ASP A 449 17.34 9.71 11.92
C ASP A 449 18.19 9.91 10.67
N ASP A 450 19.41 9.34 10.66
CA ASP A 450 20.26 9.49 9.48
C ASP A 450 19.69 8.72 8.30
N PHE A 451 19.14 7.53 8.56
CA PHE A 451 18.56 6.75 7.47
C PHE A 451 17.37 7.48 6.85
N ASN A 452 16.55 8.14 7.66
CA ASN A 452 15.45 8.90 7.08
C ASN A 452 15.96 10.11 6.30
N ASN A 453 17.06 10.72 6.77
CA ASN A 453 17.58 11.91 6.12
C ASN A 453 18.16 11.62 4.72
N VAL A 454 18.65 10.40 4.48
CA VAL A 454 19.25 10.08 3.18
C VAL A 454 18.24 9.61 2.16
N ALA A 455 17.02 9.26 2.58
CA ALA A 455 16.08 8.65 1.66
C ALA A 455 14.68 9.20 1.88
N PHE A 456 13.89 8.57 2.76
CA PHE A 456 12.49 8.96 2.91
C PHE A 456 12.32 10.45 3.17
N LEU A 457 13.14 11.02 4.05
CA LEU A 457 13.01 12.45 4.38
C LEU A 457 14.07 13.31 3.71
N ALA A 458 14.72 12.81 2.68
CA ALA A 458 15.68 13.64 1.97
C ALA A 458 14.99 14.91 1.48
N PRO A 459 15.52 16.09 1.78
CA PRO A 459 14.78 17.33 1.46
C PRO A 459 14.47 17.49 -0.02
N THR A 460 15.41 17.14 -0.91
CA THR A 460 15.21 17.25 -2.35
C THR A 460 15.82 16.02 -3.02
N ALA A 461 15.54 15.86 -4.32
CA ALA A 461 16.12 14.73 -5.04
C ALA A 461 17.65 14.74 -4.96
N ALA A 462 18.25 15.93 -4.95
CA ALA A 462 19.70 16.05 -4.87
C ALA A 462 20.27 15.58 -3.55
N ASP A 463 19.42 15.28 -2.56
CA ASP A 463 19.89 14.89 -1.25
C ASP A 463 19.80 13.40 -1.01
N ARG A 464 19.33 12.63 -1.99
CA ARG A 464 19.28 11.18 -1.90
C ARG A 464 20.71 10.65 -1.86
N ASP A 465 21.10 10.05 -0.74
CA ASP A 465 22.50 9.70 -0.49
C ASP A 465 22.64 8.19 -0.51
N TYR A 466 22.62 7.61 -1.72
CA TYR A 466 22.75 6.17 -1.91
C TYR A 466 22.87 5.91 -3.40
N ASP A 467 23.41 4.74 -3.75
CA ASP A 467 23.32 4.30 -5.14
C ASP A 467 22.11 3.40 -5.40
N PHE A 468 21.64 2.66 -4.40
CA PHE A 468 20.34 2.03 -4.55
C PHE A 468 19.71 1.95 -3.18
N ASN A 469 18.40 1.70 -3.16
CA ASN A 469 17.65 1.75 -1.91
C ASN A 469 16.55 0.71 -1.95
N PHE A 470 16.04 0.35 -0.78
CA PHE A 470 14.87 -0.50 -0.67
C PHE A 470 13.71 0.37 -0.20
N ASP A 471 12.58 0.29 -0.91
CA ASP A 471 11.50 1.27 -0.71
C ASP A 471 10.17 0.59 -1.07
N GLY A 472 9.07 1.29 -0.82
CA GLY A 472 7.76 0.69 -1.03
C GLY A 472 6.75 1.71 -1.52
N TRP A 473 5.64 1.20 -2.08
CA TRP A 473 4.52 2.06 -2.41
C TRP A 473 3.23 1.38 -1.97
N VAL A 474 2.35 2.15 -1.34
CA VAL A 474 1.03 1.67 -0.94
C VAL A 474 -0.01 2.19 -1.93
N GLY A 475 -0.73 1.28 -2.58
CA GLY A 475 -1.78 1.70 -3.50
C GLY A 475 -2.99 2.25 -2.76
N ASP A 476 -3.61 3.30 -3.34
CA ASP A 476 -4.74 3.91 -2.65
C ASP A 476 -6.01 4.08 -3.48
N TYR A 477 -6.03 3.62 -4.73
CA TYR A 477 -7.27 3.56 -5.47
C TYR A 477 -7.16 2.42 -6.47
N GLN A 478 -8.31 1.92 -6.91
CA GLN A 478 -8.38 0.63 -7.60
C GLN A 478 -8.12 0.82 -9.09
N ASP A 479 -6.85 1.08 -9.42
CA ASP A 479 -6.47 1.26 -10.83
C ASP A 479 -4.97 1.07 -10.90
N PRO A 480 -4.44 0.45 -11.96
CA PRO A 480 -2.97 0.28 -12.02
C PRO A 480 -2.21 1.58 -11.89
N SER A 481 -2.80 2.72 -12.27
CA SER A 481 -2.07 3.97 -12.18
C SER A 481 -1.72 4.34 -10.74
N THR A 482 -2.41 3.78 -9.74
CA THR A 482 -2.04 4.12 -8.37
C THR A 482 -0.60 3.69 -8.07
N TYR A 483 -0.12 2.61 -8.71
CA TYR A 483 1.24 2.16 -8.51
C TYR A 483 2.21 2.73 -9.54
N LEU A 484 1.72 3.13 -10.71
CA LEU A 484 2.61 3.50 -11.80
C LEU A 484 2.80 5.00 -11.96
N ASN A 485 1.75 5.77 -11.69
CA ASN A 485 1.85 7.23 -11.77
C ASN A 485 2.97 7.84 -10.93
N PRO A 486 3.31 7.33 -9.73
CA PRO A 486 4.33 8.04 -8.92
C PRO A 486 5.66 8.16 -9.60
N PHE A 487 5.92 7.32 -10.59
CA PHE A 487 7.22 7.32 -11.25
C PHE A 487 7.21 8.02 -12.59
N ASN A 488 6.14 8.72 -12.94
CA ASN A 488 6.05 9.40 -14.22
C ASN A 488 6.94 10.64 -14.24
N ALA A 489 7.39 10.98 -15.44
CA ALA A 489 8.45 11.96 -15.66
C ALA A 489 7.96 13.39 -15.72
N GLU A 490 6.66 13.63 -15.81
CA GLU A 490 6.16 15.00 -15.80
C GLU A 490 6.04 15.53 -14.38
N ASP A 491 5.46 14.73 -13.48
CA ASP A 491 5.22 15.21 -12.12
C ASP A 491 5.07 14.05 -11.14
N GLY A 492 5.74 12.93 -11.42
CA GLY A 492 5.65 11.81 -10.52
C GLY A 492 6.16 12.16 -9.14
N PHE A 493 5.34 11.88 -8.11
CA PHE A 493 5.71 12.20 -6.73
C PHE A 493 7.01 11.53 -6.32
N TYR A 494 7.32 10.36 -6.88
CA TYR A 494 8.49 9.58 -6.50
C TYR A 494 9.59 9.55 -7.57
N LEU A 495 9.54 10.41 -8.58
CA LEU A 495 10.71 10.64 -9.41
C LEU A 495 11.95 10.90 -8.55
N LYS A 496 11.77 11.53 -7.38
CA LYS A 496 12.89 11.92 -6.54
C LYS A 496 13.71 10.73 -6.08
N ILE A 497 13.10 9.54 -5.93
CA ILE A 497 13.87 8.43 -5.39
C ILE A 497 14.97 8.00 -6.36
N PHE A 498 14.85 8.32 -7.65
CA PHE A 498 15.89 8.08 -8.64
C PHE A 498 16.92 9.20 -8.69
N GLY A 499 16.78 10.20 -7.83
CA GLY A 499 17.63 11.37 -7.86
C GLY A 499 17.24 12.39 -8.90
N LEU A 500 16.03 12.29 -9.47
CA LEU A 500 15.65 13.07 -10.63
C LEU A 500 14.60 14.12 -10.28
N ASP A 501 14.74 15.29 -10.90
CA ASP A 501 13.76 16.37 -10.85
C ASP A 501 13.27 16.63 -12.27
N ALA A 502 11.95 16.83 -12.40
CA ALA A 502 11.34 16.82 -13.73
C ALA A 502 11.86 17.96 -14.60
N LYS A 503 12.11 19.09 -13.99
CA LYS A 503 12.53 20.26 -14.78
C LYS A 503 14.02 20.23 -15.03
N GLU A 504 14.80 20.10 -13.96
CA GLU A 504 16.25 20.25 -14.09
C GLU A 504 16.89 19.08 -14.82
N ASP A 505 16.26 17.91 -14.78
CA ASP A 505 16.87 16.70 -15.33
C ASP A 505 16.11 16.20 -16.55
N LYS A 506 15.39 17.11 -17.23
CA LYS A 506 14.58 16.70 -18.38
C LYS A 506 15.41 15.91 -19.39
N GLU A 507 16.66 16.33 -19.62
CA GLU A 507 17.50 15.64 -20.58
C GLU A 507 17.83 14.23 -20.12
N LYS A 508 18.25 14.05 -18.86
CA LYS A 508 18.55 12.71 -18.40
C LYS A 508 17.31 11.85 -18.35
N ILE A 509 16.17 12.45 -18.04
CA ILE A 509 14.90 11.72 -18.01
C ILE A 509 14.58 11.18 -19.40
N THR A 510 14.67 12.04 -20.42
CA THR A 510 14.46 11.58 -21.78
C THR A 510 15.44 10.47 -22.14
N SER A 511 16.71 10.63 -21.75
CA SER A 511 17.72 9.68 -22.19
C SER A 511 17.52 8.33 -21.52
N LEU A 512 16.87 8.29 -20.36
CA LEU A 512 16.54 7.04 -19.70
C LEU A 512 15.32 6.35 -20.31
N GLY A 513 14.61 7.01 -21.21
CA GLY A 513 13.39 6.45 -21.76
C GLY A 513 12.16 6.73 -20.93
N LEU A 514 12.26 7.55 -19.89
CA LEU A 514 11.09 7.78 -19.05
C LEU A 514 10.01 8.56 -19.76
N ASP A 515 10.33 9.29 -20.84
CA ASP A 515 9.27 9.92 -21.62
C ASP A 515 8.39 8.88 -22.28
N THR A 516 8.99 7.76 -22.70
CA THR A 516 8.20 6.68 -23.28
C THR A 516 7.26 6.09 -22.26
N TYR A 517 7.77 5.81 -21.05
CA TYR A 517 6.96 5.34 -19.94
C TYR A 517 5.82 6.32 -19.66
N THR A 518 6.13 7.61 -19.60
CA THR A 518 5.11 8.60 -19.27
C THR A 518 4.02 8.67 -20.34
N LYS A 519 4.40 8.55 -21.62
CA LYS A 519 3.39 8.54 -22.68
C LYS A 519 2.55 7.26 -22.65
N MET A 520 3.16 6.13 -22.27
CA MET A 520 2.39 4.90 -22.09
C MET A 520 1.31 5.06 -21.03
N LEU A 521 1.64 5.76 -19.94
CA LEU A 521 0.65 5.99 -18.90
C LEU A 521 -0.45 6.92 -19.38
N LYS A 522 -0.08 7.97 -20.10
CA LYS A 522 -1.09 8.89 -20.61
C LYS A 522 -2.02 8.18 -21.58
N ASP A 523 -1.46 7.37 -22.47
CA ASP A 523 -2.31 6.64 -23.41
C ASP A 523 -3.27 5.71 -22.69
N ALA A 524 -2.80 5.07 -21.61
CA ALA A 524 -3.67 4.16 -20.86
C ALA A 524 -4.76 4.92 -20.12
N ASP A 525 -4.41 6.04 -19.51
CA ASP A 525 -5.40 6.82 -18.76
C ASP A 525 -6.50 7.34 -19.67
N ARG A 526 -6.20 7.52 -20.96
CA ARG A 526 -7.19 7.98 -21.93
C ARG A 526 -8.35 7.01 -22.08
N GLU A 527 -8.13 5.73 -21.78
CA GLU A 527 -9.16 4.70 -21.99
C GLU A 527 -9.98 4.58 -20.72
N ASN A 528 -11.17 5.18 -20.70
CA ASN A 528 -12.00 5.11 -19.52
C ASN A 528 -13.37 4.48 -19.77
N LYS A 529 -13.59 3.89 -20.95
CA LYS A 529 -14.83 3.18 -21.24
C LYS A 529 -14.67 1.66 -21.32
N ASP A 530 -13.48 1.17 -21.68
CA ASP A 530 -13.21 -0.26 -21.80
C ASP A 530 -12.05 -0.57 -20.85
N VAL A 531 -12.37 -1.06 -19.64
CA VAL A 531 -11.30 -1.22 -18.64
C VAL A 531 -10.32 -2.31 -19.07
N ALA A 532 -10.77 -3.31 -19.82
CA ALA A 532 -9.82 -4.32 -20.32
C ALA A 532 -8.75 -3.68 -21.18
N LYS A 533 -9.15 -2.73 -22.03
CA LYS A 533 -8.18 -2.03 -22.86
C LYS A 533 -7.33 -1.07 -22.03
N ARG A 534 -7.97 -0.37 -21.10
CA ARG A 534 -7.23 0.49 -20.18
C ARG A 534 -6.14 -0.27 -19.45
N TYR A 535 -6.48 -1.45 -18.92
CA TYR A 535 -5.52 -2.21 -18.11
C TYR A 535 -4.43 -2.84 -18.96
N GLU A 536 -4.78 -3.27 -20.18
CA GLU A 536 -3.73 -3.77 -21.07
C GLU A 536 -2.71 -2.68 -21.37
N LYS A 537 -3.16 -1.43 -21.54
CA LYS A 537 -2.22 -0.36 -21.83
C LYS A 537 -1.35 -0.04 -20.63
N TYR A 538 -1.89 -0.17 -19.41
CA TYR A 538 -1.05 0.01 -18.24
C TYR A 538 -0.05 -1.14 -18.10
N ALA A 539 -0.40 -2.33 -18.60
CA ALA A 539 0.56 -3.42 -18.58
C ALA A 539 1.78 -3.09 -19.43
N GLU A 540 1.58 -2.39 -20.55
CA GLU A 540 2.72 -1.97 -21.36
C GLU A 540 3.69 -1.15 -20.53
N ALA A 541 3.17 -0.23 -19.74
CA ALA A 541 4.04 0.63 -18.94
C ALA A 541 4.72 -0.16 -17.83
N GLN A 542 3.99 -1.10 -17.20
CA GLN A 542 4.63 -1.95 -16.21
C GLN A 542 5.75 -2.79 -16.82
N ALA A 543 5.53 -3.28 -18.06
CA ALA A 543 6.59 -4.06 -18.69
C ALA A 543 7.81 -3.19 -19.00
N TRP A 544 7.58 -1.95 -19.46
CA TRP A 544 8.70 -1.04 -19.68
C TRP A 544 9.52 -0.87 -18.41
N MET A 545 8.84 -0.60 -17.29
CA MET A 545 9.53 -0.38 -16.03
C MET A 545 10.37 -1.60 -15.63
N ILE A 546 9.84 -2.80 -15.84
CA ILE A 546 10.60 -3.99 -15.47
C ILE A 546 11.84 -4.10 -16.34
N ASP A 547 11.68 -3.93 -17.66
CA ASP A 547 12.81 -4.06 -18.56
C ASP A 547 13.90 -3.07 -18.21
N ASN A 548 13.52 -1.84 -17.89
CA ASN A 548 14.54 -0.81 -17.74
C ASN A 548 15.19 -0.83 -16.37
N SER A 549 14.63 -1.55 -15.41
CA SER A 549 15.28 -1.93 -14.16
C SER A 549 15.77 -0.73 -13.34
N LEU A 550 15.10 0.42 -13.47
CA LEU A 550 15.26 1.48 -12.48
C LEU A 550 14.62 1.08 -11.16
N ILE A 551 13.50 0.34 -11.25
CA ILE A 551 12.80 -0.27 -10.13
C ILE A 551 12.97 -1.77 -10.30
N MET A 552 13.20 -2.48 -9.20
CA MET A 552 13.31 -3.94 -9.21
C MET A 552 12.38 -4.48 -8.13
N SER A 553 11.21 -4.97 -8.54
CA SER A 553 10.21 -5.39 -7.56
C SER A 553 10.67 -6.61 -6.79
N ALA A 554 10.28 -6.67 -5.52
CA ALA A 554 10.84 -7.66 -4.60
C ALA A 554 9.78 -8.40 -3.81
N MET A 555 8.94 -7.68 -3.06
CA MET A 555 8.08 -8.40 -2.14
C MET A 555 6.90 -7.53 -1.74
N SER A 556 5.91 -8.18 -1.14
CA SER A 556 4.76 -7.50 -0.59
C SER A 556 4.84 -7.57 0.93
N SER A 557 3.98 -6.80 1.58
CA SER A 557 3.77 -6.99 3.00
C SER A 557 2.69 -8.06 3.15
N GLY A 558 2.24 -8.31 4.39
CA GLY A 558 1.36 -9.46 4.53
C GLY A 558 2.15 -10.75 4.42
N GLY A 559 1.43 -11.85 4.13
CA GLY A 559 2.07 -13.15 4.01
C GLY A 559 2.73 -13.65 5.29
N THR A 560 2.22 -13.25 6.45
CA THR A 560 2.82 -13.62 7.74
C THR A 560 2.09 -14.82 8.34
N ALA A 561 2.79 -15.56 9.19
CA ALA A 561 2.26 -16.78 9.79
C ALA A 561 1.52 -16.46 11.09
N SER A 562 0.45 -17.20 11.36
CA SER A 562 -0.27 -17.03 12.61
C SER A 562 -1.06 -18.29 12.89
N VAL A 563 -1.52 -18.41 14.15
CA VAL A 563 -2.62 -19.32 14.48
C VAL A 563 -3.80 -18.42 14.81
N THR A 564 -5.01 -18.84 14.42
CA THR A 564 -6.12 -17.89 14.50
C THR A 564 -7.44 -18.59 14.78
N LYS A 565 -8.34 -17.86 15.45
CA LYS A 565 -9.73 -18.25 15.61
C LYS A 565 -10.66 -17.40 14.74
N VAL A 566 -10.10 -16.61 13.83
CA VAL A 566 -10.88 -15.81 12.90
C VAL A 566 -11.26 -16.69 11.72
N THR A 567 -12.56 -16.84 11.50
CA THR A 567 -13.02 -17.61 10.36
C THR A 567 -12.52 -16.96 9.07
N PRO A 568 -11.77 -17.66 8.23
CA PRO A 568 -11.15 -17.02 7.06
C PRO A 568 -12.18 -16.48 6.08
N PHE A 569 -11.82 -15.35 5.46
CA PHE A 569 -12.52 -14.78 4.30
C PHE A 569 -13.97 -14.40 4.64
N THR A 570 -14.17 -13.87 5.85
CA THR A 570 -15.44 -13.27 6.21
C THR A 570 -15.37 -11.76 6.36
N ARG A 571 -14.23 -11.22 6.79
CA ARG A 571 -14.05 -9.77 6.93
C ARG A 571 -14.13 -9.07 5.58
N GLY A 572 -14.43 -7.78 5.61
CA GLY A 572 -14.36 -6.98 4.41
C GLY A 572 -12.96 -7.03 3.82
N TYR A 573 -12.89 -6.94 2.50
CA TYR A 573 -11.64 -7.19 1.80
C TYR A 573 -11.51 -6.20 0.66
N SER A 574 -10.32 -5.63 0.54
CA SER A 574 -10.03 -4.79 -0.60
C SER A 574 -8.52 -4.73 -0.78
N LEU A 575 -8.15 -4.39 -2.01
CA LEU A 575 -6.77 -4.16 -2.38
C LEU A 575 -6.29 -2.77 -1.97
N VAL A 576 -7.19 -1.82 -1.73
CA VAL A 576 -6.84 -0.42 -1.49
C VAL A 576 -7.85 0.20 -0.53
N GLY A 577 -7.52 1.38 -0.01
CA GLY A 577 -8.37 2.00 1.01
C GLY A 577 -8.20 1.30 2.36
N ILE A 578 -8.99 1.73 3.33
CA ILE A 578 -8.77 1.26 4.70
C ILE A 578 -9.86 0.34 5.18
N LYS A 579 -10.89 0.09 4.38
CA LYS A 579 -12.03 -0.71 4.77
C LYS A 579 -11.87 -2.17 4.42
N GLY A 580 -10.71 -2.56 3.91
CA GLY A 580 -10.56 -3.90 3.38
C GLY A 580 -9.37 -4.69 3.90
N ASP A 581 -8.88 -4.41 5.10
CA ASP A 581 -7.78 -5.18 5.66
C ASP A 581 -8.20 -5.84 6.97
N GLY A 582 -7.24 -6.53 7.60
CA GLY A 582 -7.48 -7.33 8.79
C GLY A 582 -7.84 -6.55 10.03
N ASN A 583 -7.86 -5.24 9.96
CA ASN A 583 -8.25 -4.38 11.07
C ASN A 583 -9.73 -3.98 11.03
N ASN A 584 -10.50 -4.52 10.08
CA ASN A 584 -11.92 -4.16 9.92
C ASN A 584 -12.75 -5.29 10.53
N TYR A 585 -13.26 -5.05 11.75
CA TYR A 585 -13.93 -6.11 12.48
C TYR A 585 -15.39 -6.30 12.10
N LYS A 586 -15.99 -5.33 11.41
CA LYS A 586 -17.43 -5.34 11.10
C LYS A 586 -17.96 -6.69 10.61
N TYR A 587 -17.41 -7.21 9.52
CA TYR A 587 -17.89 -8.45 8.92
C TYR A 587 -17.14 -9.68 9.42
N MET A 588 -16.12 -9.50 10.22
CA MET A 588 -15.32 -10.61 10.70
C MET A 588 -16.13 -11.52 11.63
N LYS A 589 -15.92 -12.82 11.51
CA LYS A 589 -16.54 -13.80 12.39
C LYS A 589 -15.45 -14.61 13.08
N LEU A 590 -15.66 -14.88 14.38
CA LEU A 590 -14.78 -15.73 15.17
C LEU A 590 -15.42 -17.09 15.35
N GLN A 591 -14.58 -18.10 15.54
CA GLN A 591 -15.06 -19.46 15.78
C GLN A 591 -14.43 -20.01 17.06
N LYS A 592 -15.04 -21.06 17.61
CA LYS A 592 -14.56 -21.61 18.87
C LYS A 592 -13.24 -22.36 18.68
N ASP A 593 -13.06 -23.04 17.55
CA ASP A 593 -11.90 -23.90 17.32
C ASP A 593 -10.87 -23.20 16.44
N THR A 594 -9.60 -23.48 16.72
CA THR A 594 -8.50 -22.94 15.92
C THR A 594 -8.61 -23.37 14.46
N VAL A 595 -8.42 -22.42 13.55
CA VAL A 595 -8.50 -22.72 12.12
C VAL A 595 -7.39 -23.70 11.76
N THR A 596 -7.75 -24.71 10.99
CA THR A 596 -6.78 -25.67 10.50
C THR A 596 -6.32 -25.25 9.12
N THR A 597 -5.12 -25.68 8.74
CA THR A 597 -4.65 -25.43 7.39
C THR A 597 -5.62 -25.99 6.35
N LYS A 598 -6.23 -27.14 6.64
CA LYS A 598 -7.17 -27.72 5.69
C LYS A 598 -8.41 -26.85 5.53
N GLN A 599 -8.97 -26.38 6.65
CA GLN A 599 -10.09 -25.44 6.58
C GLN A 599 -9.72 -24.19 5.80
N PHE A 600 -8.52 -23.67 6.03
CA PHE A 600 -8.13 -22.43 5.35
C PHE A 600 -8.04 -22.63 3.82
N GLU A 601 -7.53 -23.79 3.41
CA GLU A 601 -7.38 -24.14 1.97
C GLU A 601 -8.76 -24.24 1.33
N GLU A 602 -9.72 -24.88 2.01
CA GLU A 602 -11.07 -25.03 1.46
C GLU A 602 -11.79 -23.69 1.44
N ALA A 603 -11.64 -22.89 2.50
CA ALA A 603 -12.22 -21.55 2.50
C ALA A 603 -11.62 -20.67 1.42
N LYS A 604 -10.31 -20.80 1.17
CA LYS A 604 -9.69 -19.94 0.17
C LYS A 604 -10.15 -20.31 -1.24
N SER A 605 -10.35 -21.60 -1.49
CA SER A 605 -10.85 -22.02 -2.79
C SER A 605 -12.29 -21.59 -3.00
N LYS A 606 -13.13 -21.75 -1.98
CA LYS A 606 -14.49 -21.23 -2.05
C LYS A 606 -14.48 -19.72 -2.27
N TRP A 607 -13.63 -19.00 -1.56
CA TRP A 607 -13.55 -17.55 -1.69
C TRP A 607 -13.04 -17.15 -3.08
N GLU A 608 -12.06 -17.89 -3.60
CA GLU A 608 -11.56 -17.55 -4.94
C GLU A 608 -12.65 -17.75 -5.99
N GLN A 609 -13.46 -18.81 -5.85
CA GLN A 609 -14.57 -19.01 -6.76
C GLN A 609 -15.56 -17.86 -6.65
N GLU A 610 -16.09 -17.64 -5.44
CA GLU A 610 -17.15 -16.66 -5.26
C GLU A 610 -16.67 -15.24 -5.55
N SER A 611 -15.41 -14.92 -5.23
CA SER A 611 -14.92 -13.56 -5.45
C SER A 611 -14.85 -13.24 -6.93
N LYS A 612 -14.20 -14.09 -7.72
CA LYS A 612 -14.11 -13.85 -9.16
C LYS A 612 -15.49 -13.73 -9.81
N LYS A 613 -16.45 -14.53 -9.37
CA LYS A 613 -17.81 -14.43 -9.88
C LYS A 613 -18.48 -13.14 -9.41
N ALA A 614 -18.40 -12.83 -8.12
CA ALA A 614 -19.09 -11.66 -7.58
C ALA A 614 -18.55 -10.36 -8.14
N ILE A 615 -17.26 -10.35 -8.51
CA ILE A 615 -16.69 -9.17 -9.14
C ILE A 615 -17.30 -8.98 -10.52
N GLU A 616 -17.57 -10.09 -11.22
CA GLU A 616 -18.31 -10.03 -12.49
C GLU A 616 -19.69 -9.43 -12.28
N LYS A 617 -20.49 -10.01 -11.38
CA LYS A 617 -21.82 -9.49 -11.10
C LYS A 617 -21.77 -8.05 -10.57
N ALA A 618 -20.66 -7.65 -9.97
CA ALA A 618 -20.56 -6.28 -9.45
C ALA A 618 -20.30 -5.27 -10.57
N GLN A 619 -19.66 -5.65 -11.67
CA GLN A 619 -19.32 -4.66 -12.68
C GLN A 619 -20.55 -4.20 -13.45
N LYS A 620 -21.31 -5.19 -13.96
CA LYS A 620 -22.59 -4.95 -14.66
C LYS A 620 -23.46 -4.14 -13.71
N GLU A 621 -23.47 -4.55 -12.43
CA GLU A 621 -24.14 -3.80 -11.37
C GLU A 621 -23.81 -2.32 -11.48
N ALA A 622 -22.54 -1.99 -11.70
CA ALA A 622 -22.10 -0.59 -11.77
C ALA A 622 -22.49 0.09 -13.08
N GLU A 623 -22.76 -0.72 -14.12
CA GLU A 623 -23.23 -0.18 -15.41
C GLU A 623 -24.65 0.38 -15.21
N LYS A 624 -25.38 -0.18 -14.23
CA LYS A 624 -26.72 0.26 -13.89
C LYS A 624 -26.70 1.57 -13.13
N HIS A 625 -25.56 2.00 -12.63
CA HIS A 625 -25.47 3.27 -11.90
C HIS A 625 -25.07 4.44 -12.79
N VAL A 626 -24.92 4.23 -14.11
CA VAL A 626 -24.56 5.31 -15.02
C VAL A 626 -25.82 6.10 -15.35
N LYS A 627 -25.94 7.30 -14.75
CA LYS A 627 -27.12 8.18 -14.98
C LYS A 627 -26.63 9.55 -15.44
MG MG B . -9.88 4.91 29.19
#